data_5F74
#
_entry.id   5F74
#
_cell.length_a   115.620
_cell.length_b   115.620
_cell.length_c   59.372
_cell.angle_alpha   90.00
_cell.angle_beta   90.00
_cell.angle_gamma   90.00
#
_symmetry.space_group_name_H-M   'P 42 2 2'
#
loop_
_entity.id
_entity.type
_entity.pdbx_description
1 polymer '14-3-3 protein beta/alpha'
2 polymer 'Carbohydrate-responsive element-binding protein'
3 non-polymer 'ADENOSINE MONOPHOSPHATE'
4 water water
#
loop_
_entity_poly.entity_id
_entity_poly.type
_entity_poly.pdbx_seq_one_letter_code
_entity_poly.pdbx_strand_id
1 'polypeptide(L)'
;MTMDKSELVQKAKLAEQAERYDDMAAAMKAVTEQGHELSNEERNLLSVAYKNVVGARRSSWRVISSIEQKTERNEKKQQM
GKEYREKIEAELQDICNDVLELLDKYLILNATQAESKVFYLKMKGDYFRYLSEVASGENKQTTVSNSQQAYQEAFEISKK
EMQPTHPIRLGLALNFSVFYYEILNSPEKACSLAKTAFDEAIAELDTLNEESYKDSTLIMQLLRDNLTLWTSENQGDEGD
AGEGEN
;
A
2 'polypeptide(L)'
;MARALADLSVNLQVPRVVPSPDSDSDTDLEDPSPRRSAGGLHRSQVIHSGHFMVSSPHSDSLTRRRDQEGPVGLADFGPR
SIDPTLTRLFECLSLAYSGKLVSPKWKNFKGLKLLCRDKIRLNNAIWRAWYIQYVQRRKSPVCGFVTPLQGSEADEHRKP
EAVVLEGNYWKRRIEVVMREYHKWRIYYKKRLRKSS
;
B
#
# COMPACT_ATOMS: atom_id res chain seq x y z
N THR A 2 -5.09 31.55 1.04
CA THR A 2 -4.17 30.65 1.75
C THR A 2 -2.96 30.25 0.86
N MET A 3 -3.05 29.08 0.25
CA MET A 3 -2.04 28.64 -0.73
C MET A 3 -2.74 28.03 -1.94
N ASP A 4 -2.20 28.22 -3.14
CA ASP A 4 -2.80 27.62 -4.34
C ASP A 4 -2.12 26.28 -4.65
N LYS A 5 -2.68 25.54 -5.61
CA LYS A 5 -2.20 24.20 -5.94
C LYS A 5 -0.68 24.13 -6.03
N SER A 6 -0.08 24.95 -6.88
CA SER A 6 1.36 24.82 -7.13
C SER A 6 2.20 25.17 -5.90
N GLU A 7 1.70 26.09 -5.07
CA GLU A 7 2.37 26.39 -3.81
C GLU A 7 2.28 25.19 -2.87
N LEU A 8 1.11 24.57 -2.80
CA LEU A 8 0.92 23.39 -1.99
C LEU A 8 1.81 22.26 -2.48
N VAL A 9 1.88 22.08 -3.78
CA VAL A 9 2.71 21.03 -4.36
C VAL A 9 4.17 21.32 -4.05
N GLN A 10 4.56 22.59 -4.08
CA GLN A 10 5.92 22.96 -3.74
C GLN A 10 6.19 22.67 -2.27
N LYS A 11 5.29 23.11 -1.41
CA LYS A 11 5.41 22.80 0.00
C LYS A 11 5.58 21.28 0.17
N ALA A 12 4.82 20.51 -0.60
CA ALA A 12 4.84 19.06 -0.45
C ALA A 12 6.19 18.50 -0.83
N LYS A 13 6.80 19.07 -1.86
CA LYS A 13 8.14 18.65 -2.27
C LYS A 13 9.20 19.00 -1.25
N LEU A 14 9.06 20.16 -0.62
CA LEU A 14 9.95 20.58 0.45
C LEU A 14 9.86 19.65 1.67
N ALA A 15 8.64 19.43 2.13
CA ALA A 15 8.37 18.52 3.22
C ALA A 15 9.04 17.19 2.95
N GLU A 16 8.94 16.72 1.72
CA GLU A 16 9.46 15.41 1.40
C GLU A 16 10.97 15.35 1.61
N GLN A 17 11.67 16.36 1.13
CA GLN A 17 13.13 16.36 1.29
C GLN A 17 13.52 16.60 2.74
N ALA A 18 12.73 17.40 3.45
CA ALA A 18 12.93 17.61 4.88
C ALA A 18 12.53 16.38 5.70
N GLU A 19 12.01 15.37 5.00
CA GLU A 19 11.43 14.19 5.64
C GLU A 19 10.38 14.50 6.70
N ARG A 20 9.52 15.46 6.40
CA ARG A 20 8.38 15.81 7.22
C ARG A 20 7.09 15.34 6.52
N TYR A 21 6.79 14.05 6.66
CA TYR A 21 5.78 13.40 5.86
C TYR A 21 4.35 13.78 6.24
N ASP A 22 4.11 14.06 7.52
CA ASP A 22 2.78 14.56 7.92
C ASP A 22 2.45 15.86 7.22
N ASP A 23 3.44 16.76 7.13
CA ASP A 23 3.30 18.00 6.39
C ASP A 23 3.02 17.70 4.91
N MET A 24 3.81 16.80 4.36
CA MET A 24 3.69 16.46 2.96
C MET A 24 2.29 15.95 2.68
N ALA A 25 1.80 15.05 3.54
CA ALA A 25 0.43 14.54 3.39
C ALA A 25 -0.61 15.66 3.55
N ALA A 26 -0.42 16.57 4.51
CA ALA A 26 -1.37 17.66 4.74
C ALA A 26 -1.48 18.55 3.51
N ALA A 27 -0.37 18.77 2.84
CA ALA A 27 -0.36 19.57 1.64
C ALA A 27 -1.09 18.86 0.50
N MET A 28 -0.67 17.62 0.21
CA MET A 28 -1.34 16.84 -0.83
C MET A 28 -2.80 16.55 -0.51
N LYS A 29 -3.16 16.42 0.77
CA LYS A 29 -4.57 16.28 1.12
C LYS A 29 -5.34 17.51 0.64
N ALA A 30 -4.72 18.68 0.77
CA ALA A 30 -5.38 19.94 0.45
C ALA A 30 -5.53 20.12 -1.06
N VAL A 31 -4.50 19.72 -1.81
CA VAL A 31 -4.57 19.74 -3.25
C VAL A 31 -5.72 18.85 -3.74
N THR A 32 -5.79 17.64 -3.19
CA THR A 32 -6.81 16.68 -3.55
C THR A 32 -8.19 17.26 -3.27
N GLU A 33 -8.34 17.90 -2.13
CA GLU A 33 -9.63 18.45 -1.72
C GLU A 33 -10.12 19.60 -2.60
N GLN A 34 -9.27 20.09 -3.50
CA GLN A 34 -9.72 21.13 -4.44
C GLN A 34 -10.59 20.53 -5.54
N GLY A 35 -10.58 19.20 -5.67
CA GLY A 35 -11.53 18.50 -6.51
C GLY A 35 -11.20 18.30 -7.98
N HIS A 36 -9.95 18.50 -8.37
CA HIS A 36 -9.58 18.26 -9.76
C HIS A 36 -8.74 17.04 -9.89
N GLU A 37 -8.85 16.39 -11.03
CA GLU A 37 -8.03 15.23 -11.30
C GLU A 37 -6.56 15.58 -11.09
N LEU A 38 -5.82 14.69 -10.47
CA LEU A 38 -4.43 14.93 -10.15
C LEU A 38 -3.53 14.54 -11.31
N SER A 39 -2.52 15.37 -11.58
CA SER A 39 -1.48 15.00 -12.53
C SER A 39 -0.79 13.73 -12.04
N ASN A 40 0.00 13.10 -12.90
CA ASN A 40 0.76 11.94 -12.46
C ASN A 40 1.71 12.30 -11.33
N GLU A 41 2.24 13.50 -11.37
CA GLU A 41 3.21 13.91 -10.36
C GLU A 41 2.53 14.09 -8.99
N GLU A 42 1.39 14.77 -8.99
CA GLU A 42 0.67 15.02 -7.74
C GLU A 42 0.21 13.70 -7.14
N ARG A 43 -0.27 12.82 -8.00
CA ARG A 43 -0.77 11.53 -7.60
C ARG A 43 0.30 10.74 -6.88
N ASN A 44 1.51 10.77 -7.43
CA ASN A 44 2.62 10.07 -6.80
C ASN A 44 3.12 10.74 -5.50
N LEU A 45 3.07 12.06 -5.45
CA LEU A 45 3.39 12.77 -4.22
C LEU A 45 2.40 12.42 -3.09
N LEU A 46 1.11 12.34 -3.42
CA LEU A 46 0.10 11.98 -2.45
C LEU A 46 0.36 10.56 -1.92
N SER A 47 0.61 9.65 -2.83
CA SER A 47 0.88 8.27 -2.47
C SER A 47 2.11 8.12 -1.57
N VAL A 48 3.23 8.73 -1.98
CA VAL A 48 4.46 8.70 -1.19
C VAL A 48 4.23 9.29 0.21
N ALA A 49 3.52 10.40 0.27
CA ALA A 49 3.27 11.05 1.54
C ALA A 49 2.50 10.15 2.52
N TYR A 50 1.38 9.59 2.12
CA TYR A 50 0.63 8.77 3.06
C TYR A 50 1.27 7.40 3.32
N LYS A 51 1.99 6.88 2.34
CA LYS A 51 2.72 5.63 2.54
C LYS A 51 3.75 5.74 3.68
N ASN A 52 4.39 6.91 3.77
CA ASN A 52 5.39 7.16 4.80
C ASN A 52 4.74 7.48 6.11
N VAL A 53 3.71 8.31 6.06
CA VAL A 53 2.93 8.64 7.24
C VAL A 53 2.38 7.38 7.90
N VAL A 54 1.63 6.56 7.17
CA VAL A 54 1.08 5.34 7.75
C VAL A 54 2.19 4.32 8.03
N GLY A 55 3.26 4.36 7.24
CA GLY A 55 4.35 3.40 7.39
C GLY A 55 5.03 3.53 8.74
N ALA A 56 5.24 4.76 9.19
CA ALA A 56 5.83 5.00 10.51
C ALA A 56 4.98 4.35 11.59
N ARG A 57 3.66 4.53 11.53
CA ARG A 57 2.79 3.93 12.55
C ARG A 57 2.76 2.40 12.46
N ARG A 58 2.71 1.86 11.25
CA ARG A 58 2.74 0.41 11.05
C ARG A 58 4.01 -0.17 11.66
N SER A 59 5.12 0.50 11.40
CA SER A 59 6.40 0.08 11.96
C SER A 59 6.37 0.08 13.49
N SER A 60 5.90 1.17 14.08
CA SER A 60 5.84 1.29 15.53
C SER A 60 4.92 0.24 16.10
N TRP A 61 3.83 -0.03 15.40
CA TRP A 61 2.85 -1.00 15.85
C TRP A 61 3.51 -2.38 15.94
N ARG A 62 4.32 -2.69 14.94
CA ARG A 62 5.00 -3.97 14.88
C ARG A 62 6.04 -4.12 15.98
N VAL A 63 6.83 -3.07 16.22
CA VAL A 63 7.82 -3.10 17.28
C VAL A 63 7.16 -3.42 18.63
N ILE A 64 6.13 -2.65 18.97
CA ILE A 64 5.42 -2.84 20.22
C ILE A 64 4.80 -4.22 20.31
N SER A 65 4.24 -4.70 19.21
CA SER A 65 3.65 -6.03 19.16
C SER A 65 4.69 -7.11 19.46
N SER A 66 5.86 -7.00 18.84
CA SER A 66 6.96 -7.93 19.12
C SER A 66 7.25 -7.95 20.60
N ILE A 67 7.49 -6.77 21.14
CA ILE A 67 7.77 -6.60 22.54
C ILE A 67 6.68 -7.20 23.42
N GLU A 68 5.43 -6.88 23.10
CA GLU A 68 4.27 -7.34 23.84
C GLU A 68 4.25 -8.85 24.04
N GLN A 69 4.75 -9.58 23.05
CA GLN A 69 4.92 -11.02 23.16
C GLN A 69 6.08 -11.34 24.08
N LYS A 70 5.92 -10.96 25.34
CA LYS A 70 6.94 -11.20 26.35
C LYS A 70 6.25 -11.50 27.68
N THR A 71 6.52 -12.68 28.22
CA THR A 71 5.94 -13.14 29.47
C THR A 71 6.23 -12.17 30.60
N ASN A 74 4.03 -8.03 33.10
CA ASN A 74 3.93 -9.21 33.94
C ASN A 74 2.79 -9.27 34.99
N GLU A 75 1.70 -8.52 34.83
CA GLU A 75 1.46 -7.62 33.70
C GLU A 75 0.83 -6.30 34.13
N LYS A 76 1.66 -5.31 34.37
CA LYS A 76 1.22 -3.93 34.23
C LYS A 76 2.10 -3.34 33.14
N LYS A 77 3.23 -4.02 32.89
CA LYS A 77 4.12 -3.71 31.78
C LYS A 77 3.50 -4.18 30.46
N GLN A 78 2.77 -5.30 30.52
CA GLN A 78 2.05 -5.75 29.35
C GLN A 78 0.73 -5.01 29.23
N GLN A 79 0.25 -4.47 30.34
CA GLN A 79 -0.94 -3.62 30.30
C GLN A 79 -0.56 -2.23 29.78
N MET A 80 0.65 -1.79 30.11
CA MET A 80 1.14 -0.51 29.64
C MET A 80 1.38 -0.59 28.14
N GLY A 81 2.05 -1.66 27.73
CA GLY A 81 2.37 -1.89 26.34
C GLY A 81 1.16 -2.07 25.44
N LYS A 82 0.10 -2.66 26.01
CA LYS A 82 -1.13 -2.88 25.28
C LYS A 82 -1.81 -1.54 25.00
N GLU A 83 -1.92 -0.72 26.03
CA GLU A 83 -2.52 0.60 25.89
C GLU A 83 -1.72 1.47 24.90
N TYR A 84 -0.41 1.32 24.88
CA TYR A 84 0.39 2.06 23.93
C TYR A 84 0.14 1.57 22.49
N ARG A 85 0.02 0.26 22.30
CA ARG A 85 -0.33 -0.27 20.97
C ARG A 85 -1.66 0.30 20.48
N GLU A 86 -2.66 0.35 21.36
CA GLU A 86 -3.96 0.92 21.02
C GLU A 86 -3.86 2.37 20.62
N LYS A 87 -3.05 3.13 21.35
CA LYS A 87 -2.82 4.53 20.99
C LYS A 87 -2.29 4.61 19.55
N ILE A 88 -1.33 3.76 19.21
CA ILE A 88 -0.79 3.73 17.87
C ILE A 88 -1.85 3.32 16.84
N GLU A 89 -2.60 2.26 17.15
CA GLU A 89 -3.67 1.77 16.30
C GLU A 89 -4.65 2.89 15.93
N ALA A 90 -5.07 3.65 16.94
CA ALA A 90 -5.97 4.77 16.76
C ALA A 90 -5.39 5.82 15.80
N GLU A 91 -4.11 6.12 15.93
CA GLU A 91 -3.46 7.03 14.98
C GLU A 91 -3.51 6.48 13.56
N LEU A 92 -3.20 5.19 13.44
CA LEU A 92 -3.22 4.46 12.19
C LEU A 92 -4.59 4.51 11.52
N GLN A 93 -5.63 4.31 12.32
CA GLN A 93 -6.97 4.30 11.78
C GLN A 93 -7.37 5.68 11.28
N ASP A 94 -6.95 6.72 11.98
CA ASP A 94 -7.26 8.07 11.52
C ASP A 94 -6.53 8.37 10.22
N ILE A 95 -5.30 7.89 10.07
CA ILE A 95 -4.60 8.11 8.83
C ILE A 95 -5.31 7.38 7.67
N CYS A 96 -5.55 6.08 7.83
CA CYS A 96 -6.16 5.29 6.75
C CYS A 96 -7.53 5.80 6.38
N ASN A 97 -8.31 6.26 7.38
CA ASN A 97 -9.63 6.82 7.08
C ASN A 97 -9.57 8.16 6.35
N ASP A 98 -8.53 8.95 6.59
CA ASP A 98 -8.35 10.19 5.85
C ASP A 98 -8.10 9.88 4.39
N VAL A 99 -7.23 8.92 4.14
CA VAL A 99 -6.90 8.50 2.79
C VAL A 99 -8.11 7.92 2.06
N LEU A 100 -8.84 7.04 2.73
CA LEU A 100 -9.99 6.37 2.14
C LEU A 100 -11.06 7.39 1.80
N GLU A 101 -11.24 8.36 2.67
CA GLU A 101 -12.20 9.44 2.39
C GLU A 101 -11.79 10.22 1.13
N LEU A 102 -10.51 10.54 1.02
CA LEU A 102 -9.96 11.18 -0.17
C LEU A 102 -10.23 10.32 -1.41
N LEU A 103 -10.02 9.03 -1.31
CA LEU A 103 -10.20 8.17 -2.49
C LEU A 103 -11.67 8.11 -2.92
N ASP A 104 -12.57 7.96 -1.95
CA ASP A 104 -14.00 7.85 -2.23
C ASP A 104 -14.66 9.19 -2.56
N LYS A 105 -14.18 10.27 -1.98
CA LYS A 105 -14.79 11.56 -2.27
C LYS A 105 -14.29 12.22 -3.56
N TYR A 106 -13.06 11.96 -3.96
CA TYR A 106 -12.50 12.73 -5.09
C TYR A 106 -11.79 11.88 -6.13
N LEU A 107 -10.92 10.98 -5.68
CA LEU A 107 -9.98 10.39 -6.61
C LEU A 107 -10.58 9.32 -7.49
N ILE A 108 -11.21 8.29 -6.92
CA ILE A 108 -11.63 7.15 -7.72
C ILE A 108 -12.73 7.54 -8.71
N LEU A 109 -13.68 8.33 -8.24
CA LEU A 109 -14.83 8.69 -9.07
C LEU A 109 -14.43 9.55 -10.26
N ASN A 110 -13.45 10.43 -10.08
CA ASN A 110 -13.05 11.38 -11.12
C ASN A 110 -11.95 10.89 -12.04
N ALA A 111 -11.35 9.75 -11.73
CA ALA A 111 -10.22 9.25 -12.53
C ALA A 111 -10.67 8.94 -13.95
N THR A 112 -10.00 9.58 -14.91
CA THR A 112 -10.34 9.46 -16.33
C THR A 112 -9.76 8.20 -16.98
N GLN A 113 -8.45 8.06 -16.91
CA GLN A 113 -7.78 6.91 -17.54
C GLN A 113 -7.88 5.65 -16.68
N ALA A 114 -7.93 4.48 -17.33
CA ALA A 114 -7.95 3.21 -16.61
C ALA A 114 -6.76 3.12 -15.64
N GLU A 115 -5.64 3.68 -16.06
CA GLU A 115 -4.40 3.72 -15.30
C GLU A 115 -4.60 4.30 -13.91
N SER A 116 -5.13 5.52 -13.87
CA SER A 116 -5.42 6.21 -12.62
C SER A 116 -6.43 5.46 -11.74
N LYS A 117 -7.42 4.85 -12.36
CA LYS A 117 -8.49 4.21 -11.62
C LYS A 117 -7.95 2.98 -10.91
N VAL A 118 -7.10 2.23 -11.60
CA VAL A 118 -6.47 1.06 -11.02
C VAL A 118 -5.55 1.47 -9.90
N PHE A 119 -4.85 2.58 -10.09
CA PHE A 119 -3.90 3.09 -9.11
C PHE A 119 -4.64 3.44 -7.82
N TYR A 120 -5.73 4.18 -7.95
CA TYR A 120 -6.50 4.64 -6.81
C TYR A 120 -7.24 3.47 -6.14
N LEU A 121 -7.74 2.53 -6.92
CA LEU A 121 -8.40 1.36 -6.34
C LEU A 121 -7.43 0.42 -5.60
N LYS A 122 -6.21 0.28 -6.12
CA LYS A 122 -5.15 -0.45 -5.44
C LYS A 122 -4.79 0.23 -4.11
N MET A 123 -4.68 1.56 -4.16
CA MET A 123 -4.46 2.37 -2.97
C MET A 123 -5.53 2.09 -1.91
N LYS A 124 -6.79 2.02 -2.34
CA LYS A 124 -7.90 1.74 -1.43
C LYS A 124 -7.77 0.33 -0.86
N GLY A 125 -7.40 -0.64 -1.71
CA GLY A 125 -7.08 -1.96 -1.22
C GLY A 125 -5.99 -1.91 -0.14
N ASP A 126 -4.89 -1.22 -0.44
CA ASP A 126 -3.78 -1.06 0.49
C ASP A 126 -4.23 -0.50 1.84
N TYR A 127 -4.97 0.60 1.84
CA TYR A 127 -5.27 1.24 3.12
C TYR A 127 -6.36 0.50 3.90
N PHE A 128 -7.24 -0.27 3.23
CA PHE A 128 -8.12 -1.16 3.98
C PHE A 128 -7.31 -2.38 4.48
N ARG A 129 -6.28 -2.76 3.74
CA ARG A 129 -5.38 -3.81 4.20
C ARG A 129 -4.62 -3.35 5.44
N TYR A 130 -4.21 -2.08 5.49
CA TYR A 130 -3.49 -1.63 6.67
C TYR A 130 -4.44 -1.56 7.89
N LEU A 131 -5.69 -1.15 7.70
CA LEU A 131 -6.64 -1.26 8.79
C LEU A 131 -6.79 -2.71 9.24
N SER A 132 -6.74 -3.64 8.29
CA SER A 132 -6.96 -5.05 8.59
C SER A 132 -5.83 -5.64 9.42
N GLU A 133 -4.62 -5.10 9.27
CA GLU A 133 -3.47 -5.59 10.04
C GLU A 133 -3.68 -5.41 11.55
N VAL A 134 -4.45 -4.40 11.95
CA VAL A 134 -4.63 -4.10 13.37
C VAL A 134 -6.09 -4.22 13.85
N ALA A 135 -7.03 -4.45 12.94
CA ALA A 135 -8.43 -4.55 13.34
C ALA A 135 -8.72 -5.87 14.07
N SER A 136 -9.87 -5.92 14.75
CA SER A 136 -10.32 -7.14 15.41
C SER A 136 -11.84 -7.28 15.33
N GLY A 137 -12.36 -8.45 15.67
CA GLY A 137 -13.79 -8.64 15.83
C GLY A 137 -14.57 -8.42 14.55
N GLU A 138 -15.66 -7.67 14.64
CA GLU A 138 -16.50 -7.41 13.48
C GLU A 138 -15.93 -6.35 12.54
N ASN A 139 -15.17 -5.42 13.12
CA ASN A 139 -14.54 -4.41 12.32
C ASN A 139 -13.58 -5.06 11.33
N LYS A 140 -12.87 -6.10 11.76
CA LYS A 140 -11.92 -6.78 10.88
C LYS A 140 -12.58 -7.40 9.65
N GLN A 141 -13.74 -8.03 9.82
CA GLN A 141 -14.45 -8.59 8.68
C GLN A 141 -14.74 -7.49 7.64
N THR A 142 -15.18 -6.32 8.13
CA THR A 142 -15.53 -5.20 7.25
C THR A 142 -14.34 -4.69 6.47
N THR A 143 -13.24 -4.47 7.17
CA THR A 143 -12.06 -3.92 6.51
C THR A 143 -11.44 -4.95 5.58
N VAL A 144 -11.42 -6.21 5.97
CA VAL A 144 -10.91 -7.27 5.08
C VAL A 144 -11.76 -7.37 3.80
N SER A 145 -13.07 -7.39 3.93
CA SER A 145 -13.90 -7.46 2.73
C SER A 145 -13.74 -6.23 1.83
N ASN A 146 -13.67 -5.04 2.42
CA ASN A 146 -13.53 -3.84 1.60
C ASN A 146 -12.16 -3.79 0.90
N SER A 147 -11.16 -4.36 1.55
CA SER A 147 -9.85 -4.43 0.95
C SER A 147 -9.93 -5.31 -0.27
N GLN A 148 -10.47 -6.51 -0.11
CA GLN A 148 -10.59 -7.44 -1.22
C GLN A 148 -11.39 -6.87 -2.39
N GLN A 149 -12.49 -6.21 -2.07
CA GLN A 149 -13.34 -5.61 -3.10
C GLN A 149 -12.59 -4.63 -3.97
N ALA A 150 -11.81 -3.74 -3.35
CA ALA A 150 -11.03 -2.75 -4.08
C ALA A 150 -9.92 -3.41 -4.92
N TYR A 151 -9.23 -4.38 -4.34
CA TYR A 151 -8.18 -5.11 -5.06
C TYR A 151 -8.77 -5.84 -6.26
N GLN A 152 -9.87 -6.54 -6.03
CA GLN A 152 -10.55 -7.25 -7.10
C GLN A 152 -11.00 -6.35 -8.24
N GLU A 153 -11.71 -5.27 -7.92
CA GLU A 153 -12.18 -4.38 -8.96
C GLU A 153 -10.99 -3.85 -9.77
N ALA A 154 -9.92 -3.47 -9.07
CA ALA A 154 -8.73 -2.97 -9.74
C ALA A 154 -8.04 -4.07 -10.57
N PHE A 155 -8.04 -5.28 -10.03
CA PHE A 155 -7.49 -6.44 -10.70
C PHE A 155 -8.15 -6.70 -12.04
N GLU A 156 -9.48 -6.75 -12.04
CA GLU A 156 -10.26 -6.97 -13.24
C GLU A 156 -10.06 -5.85 -14.26
N ILE A 157 -10.01 -4.61 -13.80
CA ILE A 157 -9.85 -3.51 -14.73
C ILE A 157 -8.47 -3.50 -15.37
N SER A 158 -7.44 -3.93 -14.63
CA SER A 158 -6.08 -3.89 -15.17
C SER A 158 -5.87 -5.03 -16.16
N LYS A 159 -6.45 -6.20 -15.90
CA LYS A 159 -6.31 -7.30 -16.83
C LYS A 159 -6.91 -6.93 -18.19
N LYS A 160 -7.91 -6.06 -18.14
CA LYS A 160 -8.63 -5.67 -19.34
C LYS A 160 -8.01 -4.48 -20.06
N GLU A 161 -7.44 -3.55 -19.30
CA GLU A 161 -7.01 -2.27 -19.87
C GLU A 161 -5.49 -2.05 -19.99
N MET A 162 -4.68 -2.87 -19.33
CA MET A 162 -3.25 -2.61 -19.28
C MET A 162 -2.44 -3.84 -19.68
N GLN A 163 -1.24 -3.62 -20.22
CA GLN A 163 -0.36 -4.72 -20.57
C GLN A 163 0.14 -5.43 -19.29
N PRO A 164 0.52 -6.71 -19.41
CA PRO A 164 0.91 -7.42 -18.19
C PRO A 164 2.23 -6.88 -17.61
N THR A 165 2.93 -6.02 -18.33
CA THR A 165 4.16 -5.43 -17.82
C THR A 165 4.01 -4.02 -17.28
N HIS A 166 2.78 -3.49 -17.29
CA HIS A 166 2.58 -2.16 -16.71
C HIS A 166 2.92 -2.22 -15.22
N PRO A 167 3.68 -1.23 -14.74
CA PRO A 167 4.13 -1.19 -13.34
C PRO A 167 2.96 -1.14 -12.35
N ILE A 168 1.94 -0.36 -12.65
CA ILE A 168 0.74 -0.29 -11.82
C ILE A 168 0.04 -1.66 -11.76
N ARG A 169 -0.11 -2.29 -12.91
CA ARG A 169 -0.70 -3.62 -12.92
C ARG A 169 0.12 -4.62 -12.11
N LEU A 170 1.44 -4.58 -12.27
CA LEU A 170 2.32 -5.47 -11.51
C LEU A 170 2.28 -5.17 -10.01
N GLY A 171 2.36 -3.89 -9.67
CA GLY A 171 2.28 -3.47 -8.28
C GLY A 171 0.99 -3.93 -7.62
N LEU A 172 -0.11 -3.78 -8.36
CA LEU A 172 -1.40 -4.24 -7.88
C LEU A 172 -1.33 -5.74 -7.58
N ALA A 173 -0.79 -6.50 -8.53
CA ALA A 173 -0.65 -7.94 -8.33
C ALA A 173 0.23 -8.25 -7.10
N LEU A 174 1.33 -7.53 -6.96
CA LEU A 174 2.20 -7.75 -5.79
C LEU A 174 1.43 -7.58 -4.50
N ASN A 175 0.71 -6.48 -4.36
CA ASN A 175 0.02 -6.18 -3.12
C ASN A 175 -1.20 -7.08 -2.87
N PHE A 176 -1.91 -7.40 -3.94
CA PHE A 176 -3.06 -8.28 -3.85
C PHE A 176 -2.61 -9.65 -3.36
N SER A 177 -1.46 -10.11 -3.87
CA SER A 177 -0.96 -11.42 -3.44
C SER A 177 -0.53 -11.34 -1.99
N VAL A 178 0.02 -10.19 -1.59
CA VAL A 178 0.40 -9.98 -0.18
C VAL A 178 -0.85 -9.97 0.68
N PHE A 179 -1.93 -9.43 0.14
CA PHE A 179 -3.21 -9.47 0.83
C PHE A 179 -3.63 -10.91 1.10
N TYR A 180 -3.60 -11.75 0.06
CA TYR A 180 -3.96 -13.14 0.25
C TYR A 180 -3.08 -13.83 1.29
N TYR A 181 -1.78 -13.57 1.22
CA TYR A 181 -0.86 -14.25 2.13
C TYR A 181 -1.03 -13.78 3.56
N GLU A 182 -0.98 -12.47 3.76
CA GLU A 182 -0.86 -11.97 5.13
C GLU A 182 -2.21 -11.72 5.77
N ILE A 183 -3.21 -11.42 4.96
CA ILE A 183 -4.48 -11.02 5.55
C ILE A 183 -5.48 -12.18 5.56
N LEU A 184 -5.70 -12.81 4.40
CA LEU A 184 -6.58 -13.98 4.33
C LEU A 184 -5.89 -15.28 4.69
N ASN A 185 -4.58 -15.25 4.87
CA ASN A 185 -3.83 -16.47 5.18
C ASN A 185 -4.04 -17.54 4.12
N SER A 186 -3.89 -17.15 2.86
CA SER A 186 -4.06 -18.03 1.71
C SER A 186 -2.76 -18.07 0.92
N PRO A 187 -1.76 -18.79 1.45
CA PRO A 187 -0.44 -18.91 0.81
C PRO A 187 -0.61 -19.41 -0.62
N GLU A 188 -1.41 -20.47 -0.71
CA GLU A 188 -1.97 -20.98 -1.95
C GLU A 188 -2.24 -19.92 -3.03
N LYS A 189 -3.32 -19.16 -2.86
CA LYS A 189 -3.71 -18.23 -3.90
C LYS A 189 -2.76 -17.02 -3.99
N ALA A 190 -2.02 -16.75 -2.93
CA ALA A 190 -0.98 -15.71 -2.99
C ALA A 190 0.10 -16.06 -4.03
N CYS A 191 0.68 -17.25 -3.88
CA CYS A 191 1.73 -17.71 -4.78
C CYS A 191 1.19 -17.87 -6.17
N SER A 192 -0.04 -18.34 -6.24
CA SER A 192 -0.72 -18.49 -7.53
C SER A 192 -0.83 -17.14 -8.22
N LEU A 193 -1.22 -16.13 -7.47
CA LEU A 193 -1.45 -14.82 -8.04
C LEU A 193 -0.12 -14.18 -8.46
N ALA A 194 0.88 -14.32 -7.60
CA ALA A 194 2.21 -13.76 -7.85
C ALA A 194 2.84 -14.39 -9.07
N LYS A 195 2.82 -15.73 -9.10
CA LYS A 195 3.45 -16.49 -10.18
C LYS A 195 2.80 -16.20 -11.53
N THR A 196 1.47 -16.13 -11.55
CA THR A 196 0.75 -15.83 -12.79
C THR A 196 1.10 -14.46 -13.29
N ALA A 197 1.15 -13.48 -12.39
CA ALA A 197 1.44 -12.10 -12.78
C ALA A 197 2.84 -12.00 -13.36
N PHE A 198 3.80 -12.70 -12.74
CA PHE A 198 5.18 -12.76 -13.22
C PHE A 198 5.29 -13.42 -14.59
N ASP A 199 4.77 -14.63 -14.70
CA ASP A 199 4.76 -15.37 -15.96
C ASP A 199 4.18 -14.55 -17.12
N GLU A 200 3.02 -13.95 -16.90
CA GLU A 200 2.36 -13.16 -17.93
C GLU A 200 3.24 -12.01 -18.38
N ALA A 201 3.96 -11.43 -17.44
CA ALA A 201 4.87 -10.34 -17.74
C ALA A 201 6.04 -10.86 -18.56
N ILE A 202 6.62 -11.96 -18.13
CA ILE A 202 7.70 -12.62 -18.87
C ILE A 202 7.33 -12.87 -20.33
N ALA A 203 6.18 -13.52 -20.53
CA ALA A 203 5.65 -13.81 -21.86
C ALA A 203 5.59 -12.60 -22.75
N GLU A 204 5.24 -11.44 -22.19
CA GLU A 204 5.05 -10.28 -23.04
C GLU A 204 6.06 -9.18 -22.72
N LEU A 205 7.32 -9.58 -22.57
CA LEU A 205 8.41 -8.64 -22.38
C LEU A 205 8.46 -7.61 -23.49
N ASP A 206 7.82 -7.90 -24.60
CA ASP A 206 7.78 -6.97 -25.73
C ASP A 206 6.84 -5.80 -25.48
N THR A 207 6.16 -5.81 -24.35
CA THR A 207 5.24 -4.72 -24.01
C THR A 207 5.88 -3.69 -23.09
N LEU A 208 7.13 -3.91 -22.69
CA LEU A 208 7.86 -2.91 -21.90
C LEU A 208 8.02 -1.65 -22.73
N ASN A 209 8.16 -0.50 -22.06
CA ASN A 209 8.43 0.73 -22.79
C ASN A 209 9.47 1.59 -22.08
N GLU A 210 9.88 2.65 -22.75
CA GLU A 210 10.97 3.45 -22.27
C GLU A 210 10.76 4.12 -20.91
N GLU A 211 9.54 4.60 -20.65
CA GLU A 211 9.31 5.39 -19.44
C GLU A 211 9.34 4.55 -18.18
N SER A 212 8.96 3.28 -18.28
CA SER A 212 8.75 2.49 -17.08
C SER A 212 9.39 1.09 -17.06
N TYR A 213 10.31 0.80 -17.96
CA TYR A 213 10.85 -0.56 -18.02
C TYR A 213 11.68 -0.86 -16.77
N LYS A 214 12.28 0.15 -16.17
CA LYS A 214 13.04 -0.09 -14.94
C LYS A 214 12.08 -0.47 -13.79
N ASP A 215 10.98 0.28 -13.66
CA ASP A 215 9.98 -0.01 -12.61
C ASP A 215 9.33 -1.38 -12.83
N SER A 216 9.02 -1.72 -14.07
CA SER A 216 8.44 -3.03 -14.36
C SER A 216 9.33 -4.19 -13.92
N THR A 217 10.61 -4.13 -14.27
CA THR A 217 11.55 -5.21 -13.94
C THR A 217 11.80 -5.29 -12.44
N LEU A 218 11.88 -4.14 -11.79
CA LEU A 218 12.03 -4.17 -10.33
C LEU A 218 10.83 -4.89 -9.70
N ILE A 219 9.61 -4.52 -10.11
CA ILE A 219 8.44 -5.14 -9.49
C ILE A 219 8.37 -6.61 -9.86
N MET A 220 8.70 -6.94 -11.11
CA MET A 220 8.79 -8.34 -11.51
C MET A 220 9.69 -9.09 -10.55
N GLN A 221 10.75 -8.43 -10.10
CA GLN A 221 11.72 -9.03 -9.19
C GLN A 221 11.15 -9.18 -7.78
N LEU A 222 10.42 -8.18 -7.30
CA LEU A 222 9.78 -8.29 -5.99
C LEU A 222 8.79 -9.44 -5.97
N LEU A 223 8.15 -9.70 -7.11
CA LEU A 223 7.20 -10.79 -7.19
C LEU A 223 7.91 -12.11 -7.01
N ARG A 224 9.06 -12.25 -7.67
CA ARG A 224 9.84 -13.48 -7.55
C ARG A 224 10.38 -13.60 -6.11
N ASP A 225 10.81 -12.48 -5.53
CA ASP A 225 11.30 -12.50 -4.15
C ASP A 225 10.24 -12.94 -3.17
N ASN A 226 9.06 -12.34 -3.24
CA ASN A 226 7.99 -12.71 -2.31
C ASN A 226 7.71 -14.18 -2.44
N LEU A 227 7.68 -14.64 -3.70
CA LEU A 227 7.42 -16.03 -4.03
C LEU A 227 8.50 -16.93 -3.48
N THR A 228 9.74 -16.50 -3.69
CA THR A 228 10.87 -17.27 -3.22
C THR A 228 10.82 -17.33 -1.70
N LEU A 229 10.36 -16.24 -1.09
CA LEU A 229 10.28 -16.13 0.36
C LEU A 229 9.14 -16.95 0.96
N TRP A 230 8.07 -17.10 0.21
CA TRP A 230 6.87 -17.76 0.72
C TRP A 230 6.91 -19.28 0.55
N THR A 231 7.48 -19.74 -0.56
CA THR A 231 7.52 -21.18 -0.83
C THR A 231 8.51 -21.87 0.09
N SER A 232 8.03 -22.23 1.27
CA SER A 232 8.81 -22.91 2.31
C SER A 232 7.89 -23.81 3.15
N ARG B 117 18.85 0.15 -5.56
CA ARG B 117 17.80 -0.68 -6.14
C ARG B 117 17.72 -2.03 -5.44
N ASP B 118 18.85 -2.51 -4.91
CA ASP B 118 18.82 -3.66 -4.01
C ASP B 118 18.32 -3.20 -2.65
N LYS B 119 18.28 -1.87 -2.50
CA LYS B 119 17.77 -1.20 -1.31
C LYS B 119 16.26 -1.42 -1.18
N ILE B 120 15.54 -1.26 -2.29
CA ILE B 120 14.11 -1.55 -2.32
C ILE B 120 13.85 -3.03 -2.02
N ARG B 121 14.60 -3.90 -2.70
CA ARG B 121 14.43 -5.35 -2.56
C ARG B 121 14.66 -5.84 -1.14
N LEU B 122 15.72 -5.34 -0.52
CA LEU B 122 16.08 -5.81 0.82
C LEU B 122 15.06 -5.29 1.84
N ASN B 123 14.63 -4.06 1.65
CA ASN B 123 13.59 -3.51 2.50
C ASN B 123 12.29 -4.29 2.38
N ASN B 124 11.89 -4.64 1.15
CA ASN B 124 10.71 -5.47 0.96
C ASN B 124 10.85 -6.82 1.64
N ALA B 125 12.01 -7.44 1.48
CA ALA B 125 12.26 -8.75 2.09
C ALA B 125 12.09 -8.70 3.60
N ILE B 126 12.58 -7.62 4.22
CA ILE B 126 12.54 -7.46 5.68
C ILE B 126 11.10 -7.31 6.17
N TRP B 127 10.37 -6.41 5.52
CA TRP B 127 8.99 -6.13 5.87
C TRP B 127 8.08 -7.38 5.79
N ARG B 128 8.21 -8.13 4.70
CA ARG B 128 7.45 -9.36 4.46
C ARG B 128 7.81 -10.47 5.43
N ALA B 129 9.12 -10.64 5.63
CA ALA B 129 9.63 -11.65 6.53
C ALA B 129 9.14 -11.43 7.95
N TRP B 130 8.92 -10.16 8.31
CA TRP B 130 8.46 -9.86 9.65
C TRP B 130 7.15 -10.58 9.94
N TYR B 131 6.24 -10.53 8.98
CA TYR B 131 4.95 -11.21 9.13
C TYR B 131 5.13 -12.71 9.37
N ILE B 132 6.01 -13.33 8.59
CA ILE B 132 6.24 -14.78 8.70
C ILE B 132 6.74 -15.19 10.10
N GLN B 133 7.69 -14.43 10.65
CA GLN B 133 8.30 -14.77 11.94
C GLN B 133 7.43 -14.42 13.15
N TYR B 134 6.90 -13.20 13.17
CA TYR B 134 6.23 -12.69 14.37
C TYR B 134 4.74 -12.97 14.43
N VAL B 135 4.14 -13.39 13.33
CA VAL B 135 2.74 -13.77 13.35
C VAL B 135 2.48 -14.88 12.33
N GLN B 136 3.38 -15.87 12.32
CA GLN B 136 3.25 -17.08 11.50
C GLN B 136 2.62 -16.82 10.13
#